data_7BVV
#
_entry.id   7BVV
#
_cell.length_a   56.500
_cell.length_b   132.800
_cell.length_c   76.990
_cell.angle_alpha   90.000
_cell.angle_beta   90.000
_cell.angle_gamma   90.000
#
_symmetry.space_group_name_H-M   'C 2 2 21'
#
loop_
_entity.id
_entity.type
_entity.pdbx_description
1 polymer 'Peroxiredoxin AHP1'
2 polymer Thioredoxin-2
3 water water
#
loop_
_entity_poly.entity_id
_entity_poly.type
_entity_poly.pdbx_seq_one_letter_code
_entity_poly.pdbx_strand_id
1 'polypeptide(L)'
;MSDLVNKKFPAGDYKFQYIAISQSDADSESCKMPQTVEWSKLISENKKVIITGAPAAFSPT(OCS)TVSHIPGYINYLDE
LVKEKEVDQVIVVTVDNPFANQAWAKSLGVKDTTHIKFASDPGCAFTKSIGFELAVGDGVYWSGRWAMVVENGIVTYAAK
ETNPGTDVTVSSVESVLAHL
;
A
2 'polypeptide(L)'
;MGHHHHHHMVTQLKSASEYDSALASGDKLVVVDFFATWCGPSKMIAPMIEKFAEQYSDAAFYKLDVDEVSDVAQKAEVSS
MPTLIFYKGGKEVTRVVGANPAAIKQAIASNV
;
B
#
# COMPACT_ATOMS: atom_id res chain seq x y z
N ASP A 3 10.20 3.31 -6.78
CA ASP A 3 9.74 2.06 -7.38
C ASP A 3 9.96 0.90 -6.40
N LEU A 4 9.02 -0.05 -6.34
CA LEU A 4 8.95 -1.07 -5.25
C LEU A 4 9.93 -2.22 -5.55
N VAL A 5 10.36 -2.40 -6.79
CA VAL A 5 11.09 -3.65 -7.20
C VAL A 5 12.47 -3.68 -6.52
N ASN A 6 12.84 -4.85 -5.97
CA ASN A 6 14.12 -5.14 -5.28
C ASN A 6 14.15 -4.56 -3.87
N LYS A 7 13.02 -4.00 -3.38
CA LYS A 7 12.88 -3.50 -1.99
C LYS A 7 11.92 -4.40 -1.21
N LYS A 8 11.98 -4.30 0.11
CA LYS A 8 11.12 -5.06 1.04
C LYS A 8 9.66 -4.71 0.78
N PHE A 9 8.78 -5.70 0.85
CA PHE A 9 7.33 -5.48 0.67
C PHE A 9 6.86 -4.51 1.75
N PRO A 10 6.29 -3.35 1.38
CA PRO A 10 5.88 -2.36 2.37
C PRO A 10 4.50 -2.67 2.96
N ALA A 11 4.44 -3.74 3.74
CA ALA A 11 3.19 -4.24 4.38
C ALA A 11 2.72 -3.23 5.43
N GLY A 12 3.65 -2.69 6.22
CA GLY A 12 3.31 -1.76 7.30
C GLY A 12 2.34 -2.41 8.26
N ASP A 13 1.30 -1.69 8.67
CA ASP A 13 0.21 -2.21 9.53
C ASP A 13 -1.03 -2.41 8.65
N TYR A 14 -0.87 -2.46 7.33
CA TYR A 14 -2.05 -2.64 6.42
C TYR A 14 -2.63 -4.04 6.58
N LYS A 15 -3.97 -4.11 6.54
CA LYS A 15 -4.75 -5.38 6.63
C LYS A 15 -5.74 -5.48 5.47
N PHE A 16 -6.25 -6.69 5.24
CA PHE A 16 -7.35 -6.92 4.31
C PHE A 16 -8.34 -7.91 4.93
N GLN A 17 -9.56 -7.91 4.38
CA GLN A 17 -10.63 -8.89 4.73
C GLN A 17 -10.86 -9.82 3.53
N TYR A 18 -11.07 -11.10 3.82
CA TYR A 18 -11.56 -12.07 2.80
C TYR A 18 -12.45 -13.10 3.47
N ILE A 19 -13.26 -13.78 2.66
CA ILE A 19 -14.10 -14.90 3.15
C ILE A 19 -13.59 -16.18 2.51
N ALA A 20 -13.37 -17.20 3.33
CA ALA A 20 -12.80 -18.50 2.91
C ALA A 20 -13.81 -19.22 2.03
N ILE A 21 -13.31 -20.08 1.15
CA ILE A 21 -14.13 -21.02 0.34
C ILE A 21 -13.42 -22.35 0.50
N SER A 22 -14.17 -23.43 0.71
CA SER A 22 -13.65 -24.81 0.79
C SER A 22 -14.46 -25.71 -0.15
N GLN A 23 -13.90 -26.87 -0.48
CA GLN A 23 -14.52 -27.84 -1.43
C GLN A 23 -15.92 -28.25 -0.93
N SER A 24 -16.13 -28.38 0.39
CA SER A 24 -17.44 -28.64 1.07
C SER A 24 -18.56 -27.70 0.56
N ASP A 25 -18.22 -26.46 0.22
CA ASP A 25 -19.18 -25.44 -0.29
C ASP A 25 -19.55 -25.75 -1.75
N ALA A 26 -20.62 -25.12 -2.23
CA ALA A 26 -21.20 -25.32 -3.59
C ALA A 26 -21.63 -26.78 -3.75
N ASP A 27 -21.72 -27.49 -2.62
CA ASP A 27 -22.16 -28.90 -2.51
C ASP A 27 -23.07 -28.97 -1.27
N SER A 28 -22.62 -28.32 -0.20
CA SER A 28 -23.34 -28.16 1.09
C SER A 28 -23.65 -26.70 1.35
N GLU A 29 -24.44 -26.42 2.39
CA GLU A 29 -24.74 -25.04 2.83
C GLU A 29 -23.71 -24.66 3.90
N SER A 30 -23.11 -23.48 3.76
CA SER A 30 -22.05 -22.97 4.66
C SER A 30 -22.41 -21.54 5.07
N CYS A 31 -21.80 -21.10 6.17
CA CYS A 31 -22.03 -19.76 6.78
C CYS A 31 -20.68 -19.20 7.18
N LYS A 32 -19.94 -18.71 6.20
CA LYS A 32 -18.60 -18.16 6.40
C LYS A 32 -18.71 -16.66 6.64
N MET A 33 -17.82 -16.13 7.45
CA MET A 33 -17.74 -14.69 7.82
C MET A 33 -16.37 -14.16 7.37
N PRO A 34 -16.25 -12.83 7.12
CA PRO A 34 -14.97 -12.19 6.88
C PRO A 34 -13.91 -12.50 7.94
N GLN A 35 -12.68 -12.69 7.50
CA GLN A 35 -11.47 -12.81 8.33
C GLN A 35 -10.56 -11.64 8.00
N THR A 36 -9.87 -11.12 9.03
CA THR A 36 -8.87 -10.02 8.86
C THR A 36 -7.46 -10.62 8.81
N VAL A 37 -6.70 -10.26 7.77
CA VAL A 37 -5.31 -10.77 7.57
C VAL A 37 -4.38 -9.56 7.52
N GLU A 38 -3.36 -9.57 8.38
CA GLU A 38 -2.31 -8.54 8.36
C GLU A 38 -1.40 -8.83 7.16
N TRP A 39 -1.24 -7.88 6.26
CA TRP A 39 -0.36 -8.08 5.08
C TRP A 39 0.99 -8.63 5.55
N SER A 40 1.55 -8.08 6.65
CA SER A 40 2.87 -8.47 7.21
C SER A 40 2.89 -9.98 7.49
N LYS A 41 1.85 -10.51 8.14
CA LYS A 41 1.75 -11.96 8.43
C LYS A 41 1.64 -12.78 7.13
N LEU A 42 0.84 -12.36 6.17
CA LEU A 42 0.67 -13.12 4.90
C LEU A 42 2.05 -13.30 4.24
N ILE A 43 2.87 -12.25 4.22
CA ILE A 43 4.16 -12.25 3.48
C ILE A 43 5.24 -13.01 4.28
N SER A 44 5.22 -12.96 5.61
CA SER A 44 6.21 -13.67 6.46
C SER A 44 5.88 -15.17 6.53
N GLU A 45 4.61 -15.55 6.43
CA GLU A 45 4.15 -16.96 6.46
C GLU A 45 4.23 -17.61 5.07
N ASN A 46 4.47 -16.84 4.00
CA ASN A 46 4.33 -17.37 2.61
C ASN A 46 5.51 -16.90 1.78
N LYS A 47 6.31 -17.83 1.28
CA LYS A 47 7.60 -17.51 0.62
C LYS A 47 7.33 -16.88 -0.74
N LYS A 48 6.26 -17.29 -1.40
CA LYS A 48 6.00 -16.85 -2.80
C LYS A 48 4.55 -16.41 -2.95
N VAL A 49 4.36 -15.10 -3.11
CA VAL A 49 3.03 -14.45 -3.12
C VAL A 49 2.89 -13.60 -4.39
N ILE A 50 1.85 -13.90 -5.16
CA ILE A 50 1.36 -13.05 -6.27
C ILE A 50 0.15 -12.25 -5.78
N ILE A 51 0.17 -10.95 -6.05
CA ILE A 51 -0.92 -10.00 -5.76
C ILE A 51 -1.34 -9.36 -7.08
N THR A 52 -2.63 -9.31 -7.36
CA THR A 52 -3.15 -8.58 -8.53
C THR A 52 -4.31 -7.69 -8.08
N GLY A 53 -4.32 -6.47 -8.61
CA GLY A 53 -5.35 -5.45 -8.28
C GLY A 53 -6.40 -5.43 -9.36
N ALA A 54 -7.66 -5.24 -8.96
CA ALA A 54 -8.80 -5.19 -9.90
C ALA A 54 -9.67 -4.01 -9.52
N PRO A 55 -9.97 -3.09 -10.45
CA PRO A 55 -10.89 -1.99 -10.14
C PRO A 55 -12.26 -2.36 -9.52
N ALA A 56 -12.92 -3.41 -9.97
CA ALA A 56 -14.29 -3.70 -9.46
C ALA A 56 -14.71 -5.14 -9.69
N ALA A 57 -15.00 -5.84 -8.60
CA ALA A 57 -15.72 -7.13 -8.63
C ALA A 57 -16.91 -7.01 -9.59
N PHE A 58 -17.04 -8.02 -10.46
CA PHE A 58 -18.13 -8.20 -11.45
C PHE A 58 -17.99 -7.25 -12.64
N SER A 59 -17.04 -6.30 -12.67
CA SER A 59 -16.85 -5.42 -13.86
C SER A 59 -16.43 -6.30 -15.04
N PRO A 60 -16.91 -6.01 -16.27
CA PRO A 60 -16.69 -6.93 -17.39
C PRO A 60 -15.22 -7.14 -17.81
N THR A 61 -14.40 -6.11 -17.90
CA THR A 61 -12.98 -6.27 -18.29
C THR A 61 -12.30 -7.22 -17.31
N OCS A 62 -12.45 -6.96 -16.00
CA OCS A 62 -11.88 -7.81 -14.94
CB OCS A 62 -12.15 -7.28 -13.57
SG OCS A 62 -11.41 -5.71 -13.30
C OCS A 62 -12.44 -9.23 -15.06
O OCS A 62 -11.69 -10.18 -14.96
OD1 OCS A 62 -9.97 -5.91 -13.45
OD2 OCS A 62 -11.86 -4.85 -14.35
OD3 OCS A 62 -11.70 -5.33 -11.94
N THR A 63 -13.75 -9.35 -15.22
CA THR A 63 -14.45 -10.65 -15.21
C THR A 63 -14.09 -11.47 -16.45
N VAL A 64 -13.99 -10.84 -17.60
CA VAL A 64 -13.79 -11.53 -18.90
C VAL A 64 -12.28 -11.71 -19.16
N SER A 65 -11.47 -10.66 -18.99
CA SER A 65 -10.14 -10.57 -19.64
C SER A 65 -8.98 -10.60 -18.64
N HIS A 66 -9.22 -10.66 -17.32
CA HIS A 66 -8.12 -10.50 -16.33
C HIS A 66 -8.11 -11.60 -15.30
N ILE A 67 -9.12 -11.69 -14.44
CA ILE A 67 -9.04 -12.65 -13.31
C ILE A 67 -9.14 -14.11 -13.79
N PRO A 68 -9.92 -14.48 -14.83
CA PRO A 68 -9.99 -15.87 -15.27
C PRO A 68 -8.61 -16.52 -15.50
N GLY A 69 -7.68 -15.77 -16.07
CA GLY A 69 -6.31 -16.24 -16.30
C GLY A 69 -5.67 -16.73 -15.01
N TYR A 70 -5.84 -16.01 -13.92
CA TYR A 70 -5.22 -16.40 -12.62
C TYR A 70 -5.87 -17.69 -12.14
N ILE A 71 -7.17 -17.86 -12.36
CA ILE A 71 -7.86 -19.09 -11.91
C ILE A 71 -7.40 -20.25 -12.81
N ASN A 72 -7.31 -20.00 -14.12
CA ASN A 72 -6.90 -20.98 -15.15
C ASN A 72 -5.49 -21.49 -14.84
N TYR A 73 -4.56 -20.62 -14.44
CA TYR A 73 -3.15 -20.99 -14.20
C TYR A 73 -2.92 -21.37 -12.73
N LEU A 74 -3.92 -21.28 -11.88
CA LEU A 74 -3.67 -21.41 -10.42
C LEU A 74 -2.92 -22.72 -10.12
N ASP A 75 -3.43 -23.86 -10.61
CA ASP A 75 -2.83 -25.19 -10.35
C ASP A 75 -1.37 -25.17 -10.79
N GLU A 76 -1.09 -24.63 -11.98
CA GLU A 76 0.27 -24.50 -12.54
C GLU A 76 1.13 -23.61 -11.63
N LEU A 77 0.63 -22.45 -11.24
CA LEU A 77 1.38 -21.53 -10.36
C LEU A 77 1.78 -22.26 -9.07
N VAL A 78 0.84 -22.96 -8.45
CA VAL A 78 1.09 -23.64 -7.15
C VAL A 78 2.03 -24.84 -7.38
N LYS A 79 1.66 -25.75 -8.27
CA LYS A 79 2.35 -27.07 -8.43
C LYS A 79 3.69 -26.87 -9.15
N GLU A 80 3.72 -26.15 -10.26
CA GLU A 80 4.95 -26.03 -11.09
C GLU A 80 5.83 -24.88 -10.57
N LYS A 81 5.26 -23.74 -10.16
CA LYS A 81 6.07 -22.52 -9.89
C LYS A 81 6.12 -22.18 -8.40
N GLU A 82 5.59 -23.07 -7.55
CA GLU A 82 5.73 -23.02 -6.05
C GLU A 82 5.14 -21.72 -5.47
N VAL A 83 4.08 -21.20 -6.07
CA VAL A 83 3.34 -20.01 -5.54
C VAL A 83 2.53 -20.51 -4.34
N ASP A 84 2.62 -19.82 -3.21
CA ASP A 84 1.88 -20.16 -1.97
C ASP A 84 0.51 -19.49 -1.95
N GLN A 85 0.44 -18.22 -2.37
CA GLN A 85 -0.80 -17.40 -2.33
C GLN A 85 -0.94 -16.57 -3.60
N VAL A 86 -2.16 -16.55 -4.13
CA VAL A 86 -2.57 -15.54 -5.15
C VAL A 86 -3.63 -14.69 -4.48
N ILE A 87 -3.37 -13.39 -4.39
CA ILE A 87 -4.29 -12.44 -3.73
C ILE A 87 -4.83 -11.50 -4.79
N VAL A 88 -6.14 -11.55 -4.98
CA VAL A 88 -6.89 -10.62 -5.86
C VAL A 88 -7.42 -9.49 -4.97
N VAL A 89 -6.97 -8.27 -5.22
CA VAL A 89 -7.29 -7.10 -4.36
C VAL A 89 -8.28 -6.19 -5.04
N THR A 90 -9.39 -5.92 -4.37
CA THR A 90 -10.35 -4.87 -4.78
C THR A 90 -10.69 -4.05 -3.55
N VAL A 91 -11.41 -2.94 -3.74
CA VAL A 91 -11.95 -2.19 -2.59
C VAL A 91 -13.36 -2.68 -2.26
N ASP A 92 -13.85 -3.71 -2.95
CA ASP A 92 -15.25 -4.14 -2.77
C ASP A 92 -15.38 -4.87 -1.44
N ASN A 93 -16.58 -4.85 -0.87
CA ASN A 93 -16.89 -5.58 0.38
C ASN A 93 -16.53 -7.05 0.23
N PRO A 94 -16.20 -7.76 1.33
CA PRO A 94 -15.67 -9.12 1.22
C PRO A 94 -16.73 -10.14 0.77
N PHE A 95 -18.01 -9.85 1.00
CA PHE A 95 -19.12 -10.74 0.58
C PHE A 95 -19.23 -10.68 -0.94
N ALA A 96 -19.12 -9.47 -1.49
CA ALA A 96 -19.21 -9.24 -2.95
C ALA A 96 -18.00 -9.92 -3.63
N ASN A 97 -16.82 -9.72 -3.07
CA ASN A 97 -15.58 -10.36 -3.59
C ASN A 97 -15.73 -11.90 -3.58
N GLN A 98 -16.25 -12.47 -2.49
CA GLN A 98 -16.39 -13.95 -2.36
C GLN A 98 -17.38 -14.47 -3.40
N ALA A 99 -18.51 -13.79 -3.55
CA ALA A 99 -19.50 -14.17 -4.60
C ALA A 99 -18.83 -14.07 -5.99
N TRP A 100 -18.00 -13.07 -6.22
CA TRP A 100 -17.31 -12.90 -7.53
C TRP A 100 -16.39 -14.10 -7.74
N ALA A 101 -15.56 -14.46 -6.75
CA ALA A 101 -14.67 -15.63 -6.81
C ALA A 101 -15.47 -16.90 -7.18
N LYS A 102 -16.61 -17.13 -6.54
CA LYS A 102 -17.43 -18.35 -6.78
C LYS A 102 -18.02 -18.30 -8.18
N SER A 103 -18.52 -17.14 -8.63
CA SER A 103 -19.06 -16.98 -9.99
C SER A 103 -17.96 -17.24 -11.02
N LEU A 104 -16.69 -17.09 -10.63
CA LEU A 104 -15.54 -17.32 -11.54
C LEU A 104 -15.02 -18.76 -11.39
N GLY A 105 -15.58 -19.60 -10.52
CA GLY A 105 -15.22 -21.03 -10.42
C GLY A 105 -14.20 -21.34 -9.33
N VAL A 106 -13.84 -20.38 -8.48
CA VAL A 106 -12.98 -20.64 -7.30
C VAL A 106 -13.76 -21.55 -6.33
N LYS A 107 -13.18 -22.70 -5.99
CA LYS A 107 -13.81 -23.73 -5.13
C LYS A 107 -13.06 -23.80 -3.80
N ASP A 108 -11.89 -23.17 -3.72
CA ASP A 108 -10.96 -23.39 -2.59
C ASP A 108 -10.06 -22.16 -2.42
N THR A 109 -10.10 -21.49 -1.28
CA THR A 109 -9.25 -20.28 -1.02
C THR A 109 -7.91 -20.60 -0.36
N THR A 110 -7.48 -21.86 -0.33
CA THR A 110 -6.19 -22.28 0.28
C THR A 110 -5.04 -21.49 -0.38
N HIS A 111 -5.03 -21.39 -1.70
CA HIS A 111 -3.91 -20.73 -2.41
C HIS A 111 -4.38 -19.48 -3.16
N ILE A 112 -5.67 -19.17 -3.14
CA ILE A 112 -6.19 -17.94 -3.80
C ILE A 112 -7.25 -17.29 -2.91
N LYS A 113 -7.11 -15.99 -2.69
CA LYS A 113 -7.98 -15.25 -1.76
C LYS A 113 -8.36 -13.96 -2.44
N PHE A 114 -9.64 -13.62 -2.39
CA PHE A 114 -10.13 -12.33 -2.94
C PHE A 114 -10.23 -11.33 -1.80
N ALA A 115 -9.28 -10.40 -1.75
CA ALA A 115 -9.06 -9.47 -0.62
C ALA A 115 -9.79 -8.13 -0.81
N SER A 116 -10.39 -7.66 0.29
CA SER A 116 -11.00 -6.32 0.35
C SER A 116 -9.96 -5.41 0.97
N ASP A 117 -9.63 -4.31 0.29
CA ASP A 117 -8.71 -3.26 0.77
C ASP A 117 -9.59 -2.06 1.10
N PRO A 118 -10.13 -1.96 2.34
CA PRO A 118 -11.16 -0.97 2.61
C PRO A 118 -10.59 0.45 2.49
N GLY A 119 -11.30 1.30 1.75
CA GLY A 119 -10.89 2.70 1.53
C GLY A 119 -9.70 2.76 0.58
N CYS A 120 -9.36 1.64 -0.06
CA CYS A 120 -8.19 1.57 -0.98
C CYS A 120 -6.89 1.95 -0.25
N ALA A 121 -6.80 1.76 1.07
CA ALA A 121 -5.67 2.29 1.88
C ALA A 121 -4.35 1.63 1.46
N PHE A 122 -4.27 0.31 1.38
CA PHE A 122 -3.02 -0.35 0.99
C PHE A 122 -2.66 0.01 -0.46
N THR A 123 -3.62 -0.09 -1.38
CA THR A 123 -3.39 0.10 -2.82
C THR A 123 -2.93 1.56 -3.06
N LYS A 124 -3.54 2.53 -2.40
CA LYS A 124 -3.09 3.96 -2.52
C LYS A 124 -1.66 4.08 -2.01
N SER A 125 -1.32 3.38 -0.93
CA SER A 125 0.00 3.49 -0.25
C SER A 125 1.13 3.14 -1.21
N ILE A 126 0.90 2.21 -2.14
CA ILE A 126 1.92 1.76 -3.15
C ILE A 126 1.69 2.50 -4.48
N GLY A 127 0.78 3.47 -4.53
CA GLY A 127 0.54 4.34 -5.69
C GLY A 127 -0.19 3.64 -6.84
N PHE A 128 -0.88 2.52 -6.57
CA PHE A 128 -1.53 1.72 -7.64
C PHE A 128 -3.05 1.94 -7.69
N GLU A 129 -3.52 3.06 -7.14
CA GLU A 129 -4.98 3.34 -7.06
C GLU A 129 -5.48 3.86 -8.40
N LEU A 130 -6.80 3.90 -8.52
CA LEU A 130 -7.51 4.53 -9.65
C LEU A 130 -8.46 5.58 -9.07
N ALA A 131 -8.20 6.85 -9.33
CA ALA A 131 -9.10 7.93 -8.86
C ALA A 131 -10.41 7.84 -9.65
N VAL A 132 -11.56 7.68 -9.02
CA VAL A 132 -12.84 7.64 -9.77
C VAL A 132 -13.72 8.86 -9.41
N GLY A 133 -13.18 9.88 -8.74
CA GLY A 133 -13.84 11.19 -8.57
C GLY A 133 -14.33 11.47 -7.15
N ASP A 134 -14.18 12.73 -6.74
CA ASP A 134 -14.69 13.31 -5.47
C ASP A 134 -14.16 12.50 -4.28
N GLY A 135 -12.85 12.19 -4.31
CA GLY A 135 -12.15 11.49 -3.22
C GLY A 135 -12.44 10.00 -3.16
N VAL A 136 -13.06 9.42 -4.17
CA VAL A 136 -13.35 7.95 -4.19
C VAL A 136 -12.23 7.29 -4.99
N TYR A 137 -11.62 6.25 -4.44
CA TYR A 137 -10.55 5.47 -5.12
C TYR A 137 -10.93 3.99 -5.22
N TRP A 138 -10.79 3.44 -6.42
CA TRP A 138 -10.84 1.99 -6.66
C TRP A 138 -9.39 1.57 -6.83
N SER A 139 -9.12 0.28 -6.78
CA SER A 139 -7.81 -0.25 -7.16
C SER A 139 -7.62 0.00 -8.66
N GLY A 140 -6.38 0.28 -9.11
CA GLY A 140 -6.06 0.20 -10.54
C GLY A 140 -5.97 -1.27 -10.93
N ARG A 141 -5.51 -1.57 -12.13
CA ARG A 141 -5.26 -2.98 -12.51
C ARG A 141 -3.75 -3.20 -12.47
N TRP A 142 -3.29 -4.08 -11.61
CA TRP A 142 -1.85 -4.22 -11.39
C TRP A 142 -1.52 -5.64 -10.95
N ALA A 143 -0.22 -5.96 -11.02
CA ALA A 143 0.29 -7.25 -10.52
C ALA A 143 1.60 -7.03 -9.78
N MET A 144 1.85 -7.88 -8.80
CA MET A 144 3.09 -7.83 -8.00
C MET A 144 3.50 -9.27 -7.63
N VAL A 145 4.80 -9.53 -7.60
CA VAL A 145 5.39 -10.80 -7.09
C VAL A 145 6.27 -10.47 -5.89
N VAL A 146 6.05 -11.19 -4.79
CA VAL A 146 6.86 -11.04 -3.56
C VAL A 146 7.49 -12.40 -3.24
N GLU A 147 8.84 -12.42 -3.21
CA GLU A 147 9.64 -13.63 -2.91
C GLU A 147 10.47 -13.38 -1.65
N ASN A 148 10.20 -14.18 -0.62
CA ASN A 148 10.87 -14.07 0.71
C ASN A 148 10.76 -12.63 1.21
N GLY A 149 9.60 -12.01 1.04
CA GLY A 149 9.30 -10.68 1.59
C GLY A 149 9.89 -9.57 0.76
N ILE A 150 10.48 -9.88 -0.40
CA ILE A 150 11.06 -8.85 -1.31
C ILE A 150 10.22 -8.82 -2.58
N VAL A 151 9.83 -7.61 -3.01
CA VAL A 151 9.06 -7.36 -4.28
C VAL A 151 10.01 -7.58 -5.46
N THR A 152 9.78 -8.63 -6.24
CA THR A 152 10.61 -8.92 -7.44
C THR A 152 9.94 -8.34 -8.69
N TYR A 153 8.63 -8.13 -8.66
CA TYR A 153 7.86 -7.63 -9.83
C TYR A 153 6.68 -6.80 -9.33
N ALA A 154 6.49 -5.64 -9.95
CA ALA A 154 5.45 -4.66 -9.61
C ALA A 154 5.16 -3.89 -10.89
N ALA A 155 3.91 -3.91 -11.38
CA ALA A 155 3.48 -3.12 -12.55
C ALA A 155 1.98 -2.80 -12.53
N LYS A 156 1.68 -1.56 -12.88
CA LYS A 156 0.31 -1.00 -12.94
C LYS A 156 -0.04 -0.71 -14.40
N GLU A 157 -1.28 -0.97 -14.80
CA GLU A 157 -1.81 -0.54 -16.11
C GLU A 157 -1.92 0.99 -16.11
N THR A 158 -1.38 1.61 -17.16
CA THR A 158 -1.51 3.07 -17.41
C THR A 158 -2.96 3.36 -17.77
N ASN A 159 -3.55 2.51 -18.60
CA ASN A 159 -4.94 2.70 -19.12
C ASN A 159 -5.75 1.48 -18.69
N PRO A 160 -6.20 1.42 -17.42
CA PRO A 160 -6.94 0.25 -16.93
C PRO A 160 -8.29 0.06 -17.67
N GLY A 161 -8.85 1.11 -18.26
CA GLY A 161 -10.05 0.99 -19.11
C GLY A 161 -9.90 -0.02 -20.24
N THR A 162 -8.72 -0.11 -20.86
CA THR A 162 -8.48 -0.91 -22.08
C THR A 162 -7.44 -2.03 -21.86
N ASP A 163 -6.52 -1.90 -20.90
CA ASP A 163 -5.28 -2.72 -20.95
C ASP A 163 -5.23 -3.78 -19.85
N VAL A 164 -4.94 -5.00 -20.26
CA VAL A 164 -4.51 -6.10 -19.36
C VAL A 164 -3.23 -6.68 -19.95
N THR A 165 -2.13 -6.05 -19.64
CA THR A 165 -0.83 -6.30 -20.28
C THR A 165 0.11 -6.72 -19.15
N VAL A 166 0.72 -5.71 -18.56
CA VAL A 166 1.74 -5.87 -17.50
C VAL A 166 1.10 -6.46 -16.24
N SER A 167 -0.24 -6.43 -16.12
CA SER A 167 -0.92 -6.97 -14.93
C SER A 167 -1.41 -8.40 -15.18
N SER A 168 -1.30 -8.92 -16.40
CA SER A 168 -1.86 -10.25 -16.75
C SER A 168 -1.10 -11.33 -16.03
N VAL A 169 -1.76 -12.46 -15.84
CA VAL A 169 -1.12 -13.68 -15.27
C VAL A 169 0.07 -14.09 -16.17
N GLU A 170 -0.01 -13.83 -17.47
CA GLU A 170 1.04 -14.24 -18.42
C GLU A 170 2.32 -13.48 -18.10
N SER A 171 2.21 -12.17 -17.90
CA SER A 171 3.37 -11.32 -17.52
C SER A 171 3.97 -11.83 -16.22
N VAL A 172 3.10 -12.18 -15.27
CA VAL A 172 3.52 -12.67 -13.92
C VAL A 172 4.31 -13.98 -14.12
N LEU A 173 3.75 -14.94 -14.85
CA LEU A 173 4.41 -16.25 -15.20
C LEU A 173 5.82 -16.01 -15.74
N ALA A 174 6.01 -14.97 -16.56
CA ALA A 174 7.32 -14.62 -17.18
C ALA A 174 8.33 -14.20 -16.11
N HIS A 175 7.91 -13.73 -14.95
CA HIS A 175 8.84 -13.28 -13.88
C HIS A 175 8.91 -14.30 -12.76
N LEU A 176 8.45 -15.53 -12.96
CA LEU A 176 8.56 -16.60 -11.92
C LEU A 176 9.62 -17.62 -12.32
N MET B 9 0.12 20.52 18.35
CA MET B 9 0.19 21.11 16.97
C MET B 9 1.05 20.29 15.99
N VAL B 10 2.18 19.73 16.42
CA VAL B 10 2.98 18.78 15.61
C VAL B 10 2.55 17.34 15.97
N THR B 11 1.98 16.63 15.01
CA THR B 11 1.37 15.29 15.22
C THR B 11 2.43 14.22 14.96
N GLN B 12 2.67 13.35 15.94
CA GLN B 12 3.56 12.18 15.77
C GLN B 12 2.90 11.12 14.87
N LEU B 13 3.59 10.72 13.81
CA LEU B 13 3.21 9.59 12.95
C LEU B 13 3.85 8.32 13.53
N LYS B 14 3.04 7.33 13.91
CA LYS B 14 3.50 6.17 14.71
C LYS B 14 3.53 4.87 13.87
N SER B 15 3.18 4.94 12.60
CA SER B 15 3.14 3.81 11.65
C SER B 15 3.25 4.35 10.22
N ALA B 16 3.61 3.47 9.28
CA ALA B 16 3.65 3.75 7.83
C ALA B 16 2.29 4.26 7.36
N SER B 17 1.18 3.65 7.82
CA SER B 17 -0.19 3.98 7.33
C SER B 17 -0.50 5.43 7.72
N GLU B 18 -0.08 5.82 8.91
CA GLU B 18 -0.28 7.20 9.41
C GLU B 18 0.51 8.15 8.50
N TYR B 19 1.76 7.81 8.25
CA TYR B 19 2.63 8.62 7.37
C TYR B 19 1.99 8.76 5.99
N ASP B 20 1.57 7.64 5.40
CA ASP B 20 0.93 7.60 4.06
C ASP B 20 -0.33 8.47 4.08
N SER B 21 -1.18 8.33 5.09
CA SER B 21 -2.44 9.11 5.21
C SER B 21 -2.10 10.60 5.30
N ALA B 22 -1.12 10.98 6.13
CA ALA B 22 -0.67 12.39 6.28
C ALA B 22 -0.22 12.95 4.91
N LEU B 23 0.61 12.23 4.16
CA LEU B 23 1.11 12.73 2.84
C LEU B 23 -0.04 12.81 1.81
N ALA B 24 -1.13 12.06 2.00
CA ALA B 24 -2.28 11.97 1.06
C ALA B 24 -3.34 13.05 1.34
N SER B 25 -3.23 13.84 2.43
CA SER B 25 -4.04 15.04 2.74
C SER B 25 -4.04 16.05 1.58
N GLY B 26 -2.95 16.15 0.82
CA GLY B 26 -2.93 16.68 -0.57
C GLY B 26 -3.07 18.19 -0.62
N ASP B 27 -2.62 18.77 -1.75
CA ASP B 27 -2.71 20.20 -2.15
C ASP B 27 -1.81 21.11 -1.29
N LYS B 28 -2.06 21.17 0.02
CA LYS B 28 -1.31 22.08 0.93
C LYS B 28 -0.01 21.41 1.40
N LEU B 29 0.85 22.18 2.06
CA LEU B 29 2.22 21.76 2.45
C LEU B 29 2.16 20.81 3.65
N VAL B 30 2.88 19.70 3.55
CA VAL B 30 3.03 18.73 4.66
C VAL B 30 4.51 18.70 5.04
N VAL B 31 4.80 18.90 6.32
CA VAL B 31 6.20 18.91 6.85
C VAL B 31 6.35 17.74 7.84
N VAL B 32 7.43 16.99 7.70
CA VAL B 32 7.69 15.84 8.63
C VAL B 32 9.08 16.00 9.22
N ASP B 33 9.13 16.10 10.55
CA ASP B 33 10.37 16.14 11.35
C ASP B 33 10.76 14.70 11.70
N PHE B 34 11.79 14.19 11.02
CA PHE B 34 12.41 12.89 11.35
C PHE B 34 13.41 13.09 12.50
N PHE B 35 13.10 12.50 13.65
CA PHE B 35 13.85 12.72 14.91
C PHE B 35 14.18 11.39 15.56
N ALA B 36 15.03 11.45 16.59
CA ALA B 36 15.36 10.29 17.42
C ALA B 36 15.35 10.74 18.87
N THR B 37 14.96 9.84 19.78
CA THR B 37 14.76 10.16 21.21
C THR B 37 16.11 10.39 21.88
N TRP B 38 17.15 9.75 21.37
CA TRP B 38 18.54 9.85 21.90
C TRP B 38 19.27 11.07 21.34
N CYS B 39 18.66 11.84 20.43
CA CYS B 39 19.35 12.85 19.60
C CYS B 39 19.13 14.26 20.17
N GLY B 40 20.20 14.86 20.68
CA GLY B 40 20.16 16.21 21.29
C GLY B 40 19.59 17.26 20.34
N PRO B 41 20.17 17.42 19.14
CA PRO B 41 19.59 18.33 18.15
C PRO B 41 18.09 18.13 17.88
N SER B 42 17.59 16.88 17.94
CA SER B 42 16.13 16.59 17.78
C SER B 42 15.39 17.33 18.90
N LYS B 43 15.83 17.13 20.12
CA LYS B 43 15.15 17.65 21.32
C LYS B 43 15.19 19.19 21.30
N MET B 44 16.18 19.78 20.61
CA MET B 44 16.35 21.25 20.57
C MET B 44 15.46 21.88 19.51
N ILE B 45 15.31 21.23 18.35
CA ILE B 45 14.52 21.77 17.21
C ILE B 45 13.03 21.61 17.55
N ALA B 46 12.68 20.70 18.45
CA ALA B 46 11.26 20.29 18.64
C ALA B 46 10.38 21.49 19.01
N PRO B 47 10.70 22.31 20.06
CA PRO B 47 9.84 23.44 20.43
C PRO B 47 9.84 24.48 19.29
N MET B 48 10.98 24.64 18.62
CA MET B 48 11.12 25.50 17.43
C MET B 48 10.07 25.07 16.40
N ILE B 49 9.91 23.76 16.14
CA ILE B 49 8.98 23.29 15.07
C ILE B 49 7.54 23.58 15.48
N GLU B 50 7.23 23.41 16.77
CA GLU B 50 5.90 23.69 17.36
C GLU B 50 5.51 25.16 17.09
N LYS B 51 6.45 26.09 17.31
CA LYS B 51 6.22 27.53 17.10
C LYS B 51 6.08 27.85 15.61
N PHE B 52 6.86 27.23 14.72
CA PHE B 52 6.64 27.34 13.26
C PHE B 52 5.27 26.80 12.86
N ALA B 53 4.78 25.76 13.53
CA ALA B 53 3.47 25.14 13.22
C ALA B 53 2.34 26.13 13.58
N GLU B 54 2.43 26.80 14.74
CA GLU B 54 1.43 27.80 15.20
C GLU B 54 1.42 28.99 14.23
N GLN B 55 2.58 29.37 13.73
CA GLN B 55 2.75 30.50 12.79
C GLN B 55 2.09 30.14 11.45
N TYR B 56 2.60 29.08 10.79
CA TYR B 56 2.24 28.73 9.39
C TYR B 56 1.15 27.67 9.37
N SER B 57 -0.05 28.05 9.85
CA SER B 57 -1.23 27.15 10.00
C SER B 57 -1.74 26.67 8.64
N ASP B 58 -1.28 27.23 7.52
CA ASP B 58 -1.65 26.80 6.14
C ASP B 58 -0.96 25.48 5.77
N ALA B 59 -0.04 24.99 6.61
CA ALA B 59 0.71 23.73 6.43
C ALA B 59 0.45 22.77 7.60
N ALA B 60 0.52 21.47 7.33
CA ALA B 60 0.33 20.40 8.34
C ALA B 60 1.71 19.88 8.79
N PHE B 61 1.96 19.88 10.09
CA PHE B 61 3.25 19.51 10.72
C PHE B 61 3.15 18.16 11.45
N TYR B 62 4.17 17.34 11.23
CA TYR B 62 4.22 15.97 11.78
C TYR B 62 5.64 15.68 12.23
N LYS B 63 5.78 14.72 13.15
CA LYS B 63 7.10 14.20 13.56
C LYS B 63 7.05 12.69 13.50
N LEU B 64 8.19 12.10 13.17
CA LEU B 64 8.29 10.63 13.09
C LEU B 64 9.64 10.16 13.70
N ASP B 65 9.54 9.28 14.69
CA ASP B 65 10.69 8.64 15.36
C ASP B 65 11.29 7.61 14.40
N VAL B 66 12.48 7.90 13.85
CA VAL B 66 13.18 7.04 12.85
C VAL B 66 13.41 5.64 13.43
N ASP B 67 13.40 5.47 14.76
CA ASP B 67 13.69 4.14 15.39
C ASP B 67 12.36 3.39 15.58
N GLU B 68 11.24 4.09 15.49
CA GLU B 68 9.90 3.51 15.67
C GLU B 68 9.36 3.14 14.28
N VAL B 69 9.65 3.93 13.25
CA VAL B 69 9.11 3.68 11.88
C VAL B 69 10.33 3.76 10.97
N SER B 70 11.20 2.76 11.06
CA SER B 70 12.54 2.77 10.42
C SER B 70 12.34 2.55 8.91
N ASP B 71 11.30 1.81 8.50
CA ASP B 71 11.06 1.53 7.06
C ASP B 71 10.77 2.86 6.34
N VAL B 72 9.98 3.73 6.94
CA VAL B 72 9.65 5.04 6.32
C VAL B 72 10.91 5.91 6.28
N ALA B 73 11.64 6.01 7.40
CA ALA B 73 12.91 6.78 7.43
C ALA B 73 13.90 6.30 6.36
N GLN B 74 14.05 4.98 6.18
CA GLN B 74 15.06 4.39 5.25
C GLN B 74 14.66 4.70 3.81
N LYS B 75 13.37 4.55 3.49
CA LYS B 75 12.90 4.84 2.11
C LYS B 75 13.09 6.33 1.82
N ALA B 76 12.89 7.20 2.81
CA ALA B 76 13.07 8.67 2.69
C ALA B 76 14.57 9.00 2.74
N GLU B 77 15.43 7.99 2.87
CA GLU B 77 16.90 8.18 2.89
C GLU B 77 17.26 9.24 3.94
N VAL B 78 16.67 9.13 5.13
CA VAL B 78 17.09 9.94 6.31
C VAL B 78 18.32 9.26 6.92
N SER B 79 19.46 9.91 6.84
CA SER B 79 20.74 9.37 7.37
C SER B 79 21.23 10.24 8.53
N SER B 80 20.52 11.33 8.80
CA SER B 80 20.91 12.33 9.82
C SER B 80 19.63 12.91 10.41
N MET B 81 19.65 13.24 11.70
CA MET B 81 18.52 13.84 12.43
C MET B 81 19.04 15.12 13.08
N PRO B 82 18.26 16.22 13.07
CA PRO B 82 16.96 16.29 12.40
C PRO B 82 17.05 16.31 10.87
N THR B 83 16.03 15.75 10.25
CA THR B 83 15.74 16.00 8.83
C THR B 83 14.27 16.36 8.75
N LEU B 84 13.99 17.57 8.28
CA LEU B 84 12.62 17.96 7.89
C LEU B 84 12.47 17.81 6.38
N ILE B 85 11.47 17.03 5.98
CA ILE B 85 11.12 16.83 4.56
C ILE B 85 9.81 17.56 4.34
N PHE B 86 9.74 18.29 3.23
CA PHE B 86 8.58 19.10 2.83
C PHE B 86 7.89 18.42 1.65
N TYR B 87 6.61 18.10 1.80
CA TYR B 87 5.82 17.36 0.77
C TYR B 87 4.65 18.20 0.26
N LYS B 88 4.34 18.02 -1.04
CA LYS B 88 3.18 18.64 -1.75
C LYS B 88 2.57 17.56 -2.65
N GLY B 89 1.27 17.33 -2.54
CA GLY B 89 0.60 16.25 -3.29
C GLY B 89 1.30 14.91 -3.11
N GLY B 90 1.81 14.64 -1.91
CA GLY B 90 2.41 13.35 -1.54
C GLY B 90 3.81 13.20 -2.06
N LYS B 91 4.41 14.28 -2.56
CA LYS B 91 5.76 14.21 -3.17
C LYS B 91 6.65 15.32 -2.59
N GLU B 92 7.88 14.93 -2.30
CA GLU B 92 8.91 15.79 -1.68
C GLU B 92 9.24 16.96 -2.61
N VAL B 93 9.20 18.18 -2.06
CA VAL B 93 9.62 19.41 -2.77
C VAL B 93 11.05 19.78 -2.36
N THR B 94 11.39 19.61 -1.09
CA THR B 94 12.72 19.96 -0.54
C THR B 94 12.83 19.33 0.85
N ARG B 95 14.05 19.29 1.38
CA ARG B 95 14.34 18.83 2.76
C ARG B 95 15.44 19.71 3.32
N VAL B 96 15.42 19.87 4.64
CA VAL B 96 16.47 20.60 5.40
C VAL B 96 17.07 19.64 6.42
N VAL B 97 18.38 19.48 6.38
CA VAL B 97 19.13 18.62 7.32
C VAL B 97 19.76 19.47 8.44
N GLY B 98 19.62 19.02 9.70
CA GLY B 98 20.26 19.69 10.84
C GLY B 98 19.31 20.62 11.60
N ALA B 99 19.69 20.96 12.83
CA ALA B 99 18.93 21.88 13.71
C ALA B 99 19.21 23.32 13.25
N ASN B 100 18.58 23.71 12.15
CA ASN B 100 18.85 24.97 11.42
C ASN B 100 17.54 25.77 11.31
N PRO B 101 17.17 26.50 12.39
CA PRO B 101 15.87 27.16 12.48
C PRO B 101 15.60 28.03 11.26
N ALA B 102 16.52 28.94 10.95
CA ALA B 102 16.36 29.94 9.86
C ALA B 102 16.14 29.19 8.53
N ALA B 103 16.98 28.20 8.23
CA ALA B 103 16.86 27.37 7.00
C ALA B 103 15.49 26.66 6.95
N ILE B 104 15.02 26.09 8.08
CA ILE B 104 13.69 25.40 8.14
C ILE B 104 12.60 26.46 7.88
N LYS B 105 12.64 27.58 8.61
CA LYS B 105 11.68 28.71 8.46
C LYS B 105 11.60 29.17 7.00
N GLN B 106 12.74 29.37 6.35
CA GLN B 106 12.80 29.80 4.93
C GLN B 106 12.16 28.72 4.04
N ALA B 107 12.45 27.45 4.31
CA ALA B 107 11.89 26.32 3.54
C ALA B 107 10.37 26.29 3.68
N ILE B 108 9.83 26.54 4.88
CA ILE B 108 8.35 26.61 5.06
C ILE B 108 7.83 27.79 4.24
N ALA B 109 8.32 29.00 4.54
CA ALA B 109 7.82 30.29 4.01
C ALA B 109 7.65 30.22 2.48
N SER B 110 8.64 29.72 1.76
CA SER B 110 8.66 29.70 0.28
C SER B 110 7.97 28.46 -0.29
N ASN B 111 7.34 27.62 0.53
CA ASN B 111 6.68 26.37 0.06
C ASN B 111 5.24 26.27 0.58
N VAL B 112 4.81 27.15 1.48
CA VAL B 112 3.47 27.05 2.13
C VAL B 112 2.38 27.44 1.12
#